data_4QAX
#
_entry.id   4QAX
#
_cell.length_a   72.802
_cell.length_b   80.689
_cell.length_c   89.254
_cell.angle_alpha   90.000
_cell.angle_beta   90.000
_cell.angle_gamma   90.000
#
_symmetry.space_group_name_H-M   'P 21 21 21'
#
loop_
_entity.id
_entity.type
_entity.pdbx_description
1 polymer '2,3-bisphosphoglycerate-independent phosphoglycerate mutase'
2 non-polymer 'MANGANESE (II) ION'
3 non-polymer '2-PHOSPHOGLYCERIC ACID'
4 water water
#
_entity_poly.entity_id   1
_entity_poly.type   'polypeptide(L)'
_entity_poly.pdbx_seq_one_letter_code
;HHHHHHGSMAKKPTALIILDGFANRESEHGNAVKLANKPNFDRYYNKYPTTQIEASGLDVGLPEGQMGNSEVGHMNIGAG
RIVYQSLTRINKSIEDGDFFENDVLNNAIAHVNSHDSALHIFGLLSDGGVHSHYKHLFALLELAKKQGVEKVYVHAFLDG
RDVDQKSALKYIEETEAKFNELGIGQFASVSGRYYAMDRDKRWEREEKAYNAIRNFDAPTYATAKEGVEASYNEGLTDEF
VVPFIVENQNDGVNDGDAVIFYNFRPDRAAQLSEIFANRAFEGFKVEQVKDLFYATFTKYNDNIDAAIVFEKVDLNNTIG
EIAQNNNLTQLRIAETEKYPHVTYFMSGGRNEEFKGERRRLIDSPKVATYDLKPEMSAYEVKDALLEELNKGDLDLIILN
FANPDMVGHSGMLEPTIKAIEAVDECLGEVVDKILDMDGYAIITADHGNSDQVLTDDDQPMTTHTTNPVPVIVTKEGVTL
RETGRLGDLAPTLLDLLNVEQPEDMTGESLIKH
;
_entity_poly.pdbx_strand_id   A
#
loop_
_chem_comp.id
_chem_comp.type
_chem_comp.name
_chem_comp.formula
2PG non-polymer '2-PHOSPHOGLYCERIC ACID' 'C3 H7 O7 P'
MN non-polymer 'MANGANESE (II) ION' 'Mn 2'
#
# COMPACT_ATOMS: atom_id res chain seq x y z
N LYS A 11 -0.33 -18.59 -32.41
CA LYS A 11 0.29 -17.79 -31.27
C LYS A 11 0.68 -18.70 -30.13
N LYS A 12 1.97 -18.66 -29.78
CA LYS A 12 2.48 -19.37 -28.62
C LYS A 12 2.23 -18.46 -27.38
N PRO A 13 1.44 -18.96 -26.43
CA PRO A 13 1.16 -18.07 -25.30
C PRO A 13 2.28 -17.98 -24.22
N THR A 14 2.60 -16.80 -23.69
CA THR A 14 3.36 -16.74 -22.42
C THR A 14 2.48 -16.14 -21.30
N ALA A 15 2.44 -16.89 -20.18
CA ALA A 15 1.64 -16.61 -19.05
C ALA A 15 2.46 -16.35 -17.80
N LEU A 16 2.00 -15.39 -17.04
CA LEU A 16 2.46 -15.14 -15.70
C LEU A 16 1.35 -15.62 -14.83
N ILE A 17 1.67 -16.52 -13.93
CA ILE A 17 0.70 -17.16 -13.10
C ILE A 17 1.09 -16.83 -11.71
N ILE A 18 0.28 -16.00 -11.09
CA ILE A 18 0.55 -15.47 -9.77
C ILE A 18 -0.25 -16.26 -8.74
N LEU A 19 0.45 -17.01 -7.87
CA LEU A 19 -0.18 -17.68 -6.71
C LEU A 19 -0.15 -16.68 -5.55
N ASP A 20 -1.24 -15.96 -5.32
CA ASP A 20 -1.24 -14.87 -4.37
C ASP A 20 -0.92 -15.41 -2.97
N GLY A 21 -0.06 -14.71 -2.26
CA GLY A 21 0.24 -15.09 -0.86
C GLY A 21 0.79 -16.53 -0.64
N PHE A 22 1.86 -16.81 -1.32
CA PHE A 22 2.43 -18.16 -1.45
C PHE A 22 3.96 -17.96 -1.52
N ALA A 23 4.69 -18.28 -0.47
CA ALA A 23 6.13 -17.99 -0.40
C ALA A 23 6.91 -19.14 0.11
N ASN A 24 8.23 -18.97 0.04
CA ASN A 24 9.21 -19.95 0.52
C ASN A 24 9.65 -19.71 1.97
N ARG A 25 9.46 -20.72 2.83
CA ARG A 25 9.73 -20.59 4.22
C ARG A 25 10.32 -21.95 4.65
N GLU A 26 11.42 -21.90 5.39
CA GLU A 26 12.14 -23.12 5.76
C GLU A 26 11.31 -23.98 6.71
N SER A 27 10.87 -23.42 7.83
CA SER A 27 10.02 -24.16 8.74
C SER A 27 8.77 -24.69 8.08
N GLU A 28 8.43 -25.92 8.46
CA GLU A 28 7.20 -26.58 7.99
C GLU A 28 6.01 -26.32 8.90
N HIS A 29 6.29 -25.73 10.06
CA HIS A 29 5.27 -25.58 11.11
C HIS A 29 4.21 -24.53 10.72
N GLY A 30 2.95 -24.93 10.60
CA GLY A 30 1.92 -23.99 10.16
C GLY A 30 2.17 -23.48 8.71
N ASN A 31 2.92 -24.22 7.93
CA ASN A 31 3.25 -23.84 6.55
C ASN A 31 2.40 -24.65 5.57
N ALA A 32 1.34 -24.03 5.10
CA ALA A 32 0.45 -24.71 4.24
C ALA A 32 1.09 -25.02 2.87
N VAL A 33 2.01 -24.18 2.41
CA VAL A 33 2.67 -24.41 1.15
C VAL A 33 3.39 -25.73 1.20
N LYS A 34 4.15 -25.99 2.27
CA LYS A 34 4.88 -27.27 2.39
C LYS A 34 4.06 -28.45 2.82
N LEU A 35 3.01 -28.23 3.61
CA LEU A 35 2.15 -29.34 4.00
C LEU A 35 1.18 -29.79 2.91
N ALA A 36 0.89 -28.97 1.90
CA ALA A 36 -0.03 -29.36 0.85
C ALA A 36 0.52 -30.41 -0.12
N ASN A 37 -0.33 -31.28 -0.62
CA ASN A 37 0.00 -32.18 -1.72
C ASN A 37 -0.15 -31.33 -2.97
N LYS A 38 0.95 -30.92 -3.57
CA LYS A 38 0.89 -30.07 -4.80
C LYS A 38 1.70 -30.73 -5.90
N PRO A 39 1.22 -31.87 -6.39
CA PRO A 39 2.05 -32.61 -7.32
C PRO A 39 2.40 -31.88 -8.60
N ASN A 40 1.48 -31.05 -9.11
CA ASN A 40 1.74 -30.34 -10.34
C ASN A 40 2.82 -29.30 -10.16
N PHE A 41 2.74 -28.50 -9.12
CA PHE A 41 3.78 -27.56 -8.80
C PHE A 41 5.14 -28.27 -8.66
N ASP A 42 5.18 -29.36 -7.91
CA ASP A 42 6.40 -30.09 -7.69
C ASP A 42 6.93 -30.66 -8.97
N ARG A 43 6.08 -31.14 -9.88
CA ARG A 43 6.64 -31.68 -11.08
C ARG A 43 7.28 -30.58 -11.94
N TYR A 44 6.66 -29.41 -11.99
CA TYR A 44 7.27 -28.31 -12.76
C TYR A 44 8.52 -27.87 -12.09
N TYR A 45 8.50 -27.76 -10.78
CA TYR A 45 9.62 -27.36 -9.96
C TYR A 45 10.83 -28.29 -10.17
N ASN A 46 10.55 -29.60 -10.33
CA ASN A 46 11.59 -30.60 -10.48
C ASN A 46 12.14 -30.69 -11.91
N LYS A 47 11.35 -30.27 -12.90
CA LYS A 47 11.76 -30.37 -14.27
C LYS A 47 12.33 -29.05 -14.84
N TYR A 48 11.80 -27.92 -14.36
CA TYR A 48 12.10 -26.64 -14.99
C TYR A 48 13.00 -25.80 -14.10
N PRO A 49 13.66 -24.78 -14.68
CA PRO A 49 14.50 -23.86 -13.89
C PRO A 49 13.68 -23.06 -12.85
N THR A 50 14.32 -22.74 -11.73
CA THR A 50 13.62 -22.26 -10.57
C THR A 50 14.59 -21.28 -9.94
N THR A 51 14.07 -20.23 -9.28
CA THR A 51 14.80 -19.46 -8.30
C THR A 51 13.83 -18.88 -7.25
N GLN A 52 14.27 -17.89 -6.46
CA GLN A 52 13.33 -17.20 -5.55
C GLN A 52 13.69 -15.72 -5.52
N ILE A 53 12.68 -14.87 -5.40
CA ILE A 53 12.86 -13.43 -5.49
C ILE A 53 12.15 -12.73 -4.34
N GLU A 54 12.53 -11.49 -4.08
CA GLU A 54 12.10 -10.79 -2.91
C GLU A 54 10.84 -9.99 -3.31
N ALA A 55 9.87 -9.97 -2.38
CA ALA A 55 8.57 -9.36 -2.60
C ALA A 55 8.18 -8.47 -1.45
N SER A 56 9.14 -8.18 -0.58
CA SER A 56 8.90 -7.36 0.64
C SER A 56 9.96 -6.30 0.78
N GLY A 57 9.69 -5.32 1.64
CA GLY A 57 10.66 -4.27 1.94
C GLY A 57 11.14 -3.38 0.78
N LEU A 58 12.45 -3.10 0.78
CA LEU A 58 13.03 -2.14 -0.14
C LEU A 58 13.01 -2.66 -1.60
N ASP A 59 13.13 -3.98 -1.77
CA ASP A 59 12.98 -4.61 -3.06
C ASP A 59 11.66 -4.34 -3.79
N VAL A 60 10.58 -3.97 -3.03
CA VAL A 60 9.28 -3.55 -3.63
C VAL A 60 8.84 -2.13 -3.30
N GLY A 61 9.78 -1.30 -2.88
CA GLY A 61 9.48 0.11 -2.69
C GLY A 61 8.80 0.42 -1.33
N LEU A 62 8.96 -0.49 -0.37
CA LEU A 62 8.47 -0.35 1.00
C LEU A 62 9.68 -0.25 1.92
N PRO A 63 9.48 0.22 3.18
CA PRO A 63 10.58 0.24 4.16
C PRO A 63 11.08 -1.15 4.50
N GLU A 64 12.35 -1.24 4.89
CA GLU A 64 12.88 -2.44 5.43
C GLU A 64 11.98 -3.04 6.49
N GLY A 65 11.77 -4.34 6.41
CA GLY A 65 11.00 -5.04 7.45
C GLY A 65 9.52 -5.09 7.12
N GLN A 66 9.06 -4.29 6.15
CA GLN A 66 7.65 -4.30 5.86
C GLN A 66 7.28 -5.45 4.82
N MET A 67 6.38 -6.34 5.23
CA MET A 67 5.81 -7.43 4.40
C MET A 67 5.19 -6.84 3.16
N GLY A 68 5.27 -7.58 2.04
CA GLY A 68 4.69 -7.16 0.80
C GLY A 68 3.21 -7.31 0.86
N ASN A 69 2.53 -6.89 -0.20
CA ASN A 69 1.08 -6.94 -0.22
C ASN A 69 0.60 -7.01 -1.65
N SER A 70 -0.70 -7.14 -1.84
CA SER A 70 -1.18 -7.39 -3.22
C SER A 70 -1.07 -6.20 -4.15
N GLU A 71 -1.35 -5.03 -3.61
CA GLU A 71 -1.40 -3.82 -4.41
C GLU A 71 0.05 -3.46 -4.82
N VAL A 72 0.91 -3.40 -3.83
CA VAL A 72 2.27 -3.02 -4.07
C VAL A 72 2.92 -4.11 -4.93
N GLY A 73 2.60 -5.35 -4.63
CA GLY A 73 3.23 -6.43 -5.39
C GLY A 73 2.82 -6.46 -6.84
N HIS A 74 1.51 -6.38 -7.12
CA HIS A 74 1.06 -6.31 -8.53
C HIS A 74 1.52 -5.02 -9.29
N MET A 75 1.67 -3.89 -8.61
CA MET A 75 2.28 -2.70 -9.24
C MET A 75 3.72 -2.95 -9.64
N ASN A 76 4.53 -3.53 -8.72
CA ASN A 76 5.92 -3.83 -9.01
C ASN A 76 6.00 -4.87 -10.16
N ILE A 77 5.15 -5.87 -10.11
CA ILE A 77 5.15 -6.88 -11.17
C ILE A 77 4.87 -6.28 -12.55
N GLY A 78 3.81 -5.49 -12.66
CA GLY A 78 3.49 -4.95 -13.97
C GLY A 78 4.49 -3.91 -14.43
N ALA A 79 5.18 -3.26 -13.50
CA ALA A 79 6.06 -2.13 -13.91
C ALA A 79 7.43 -2.54 -14.35
N GLY A 80 7.90 -3.68 -13.90
CA GLY A 80 9.22 -4.13 -14.31
C GLY A 80 10.32 -3.23 -13.73
N ARG A 81 10.06 -2.65 -12.56
CA ARG A 81 11.00 -1.81 -11.83
C ARG A 81 10.52 -1.72 -10.37
N ILE A 82 11.35 -1.14 -9.52
CA ILE A 82 10.94 -0.93 -8.16
C ILE A 82 10.00 0.25 -8.16
N VAL A 83 8.76 0.06 -7.69
CA VAL A 83 7.83 1.20 -7.65
C VAL A 83 7.81 1.71 -6.19
N TYR A 84 8.46 2.83 -5.92
CA TYR A 84 8.61 3.37 -4.57
C TYR A 84 7.27 3.87 -4.09
N GLN A 85 6.82 3.35 -2.96
CA GLN A 85 5.61 3.81 -2.33
C GLN A 85 5.85 5.07 -1.50
N SER A 86 4.77 5.68 -1.03
CA SER A 86 4.89 6.99 -0.37
C SER A 86 5.85 7.09 0.74
N LEU A 87 5.85 6.13 1.65
CA LEU A 87 6.71 6.27 2.84
C LEU A 87 8.18 6.34 2.44
N THR A 88 8.60 5.36 1.64
CA THR A 88 9.99 5.33 1.15
C THR A 88 10.37 6.53 0.32
N ARG A 89 9.46 6.97 -0.53
CA ARG A 89 9.72 8.15 -1.38
C ARG A 89 9.98 9.36 -0.50
N ILE A 90 9.14 9.54 0.52
CA ILE A 90 9.29 10.74 1.38
C ILE A 90 10.55 10.57 2.24
N ASN A 91 10.77 9.35 2.75
CA ASN A 91 12.01 9.07 3.53
C ASN A 91 13.27 9.42 2.75
N LYS A 92 13.25 9.05 1.48
CA LYS A 92 14.41 9.24 0.61
C LYS A 92 14.60 10.71 0.29
N SER A 93 13.51 11.40 0.09
CA SER A 93 13.50 12.83 -0.14
C SER A 93 14.13 13.60 1.04
N ILE A 94 13.81 13.19 2.25
CA ILE A 94 14.37 13.78 3.44
C ILE A 94 15.87 13.51 3.47
N GLU A 95 16.22 12.22 3.39
CA GLU A 95 17.58 11.72 3.53
C GLU A 95 18.46 12.38 2.48
N ASP A 96 17.94 12.62 1.28
CA ASP A 96 18.80 13.20 0.24
C ASP A 96 18.71 14.73 0.05
N GLY A 97 17.84 15.40 0.82
CA GLY A 97 17.70 16.87 0.77
C GLY A 97 16.62 17.52 -0.07
N ASP A 98 16.14 16.86 -1.14
CA ASP A 98 14.99 17.31 -1.93
C ASP A 98 13.84 17.88 -1.10
N PHE A 99 13.52 17.18 -0.01
CA PHE A 99 12.37 17.54 0.85
C PHE A 99 12.45 19.00 1.25
N PHE A 100 13.61 19.42 1.72
CA PHE A 100 13.79 20.77 2.23
C PHE A 100 13.76 21.85 1.14
N GLU A 101 13.94 21.44 -0.13
CA GLU A 101 13.74 22.31 -1.31
C GLU A 101 12.35 22.27 -1.87
N ASN A 102 11.49 21.43 -1.31
CA ASN A 102 10.21 21.18 -1.96
C ASN A 102 9.46 22.50 -2.16
N ASP A 103 8.92 22.69 -3.36
CA ASP A 103 8.27 23.92 -3.72
C ASP A 103 7.04 24.20 -2.90
N VAL A 104 6.18 23.21 -2.75
CA VAL A 104 4.94 23.40 -1.99
C VAL A 104 5.24 23.73 -0.51
N LEU A 105 6.16 23.00 0.09
CA LEU A 105 6.52 23.26 1.49
C LEU A 105 7.12 24.64 1.68
N ASN A 106 7.99 25.06 0.78
CA ASN A 106 8.56 26.42 0.89
C ASN A 106 7.55 27.51 0.56
N ASN A 107 6.62 27.27 -0.35
CA ASN A 107 5.53 28.23 -0.58
C ASN A 107 4.57 28.37 0.61
N ALA A 108 4.29 27.28 1.35
CA ALA A 108 3.39 27.32 2.51
C ALA A 108 4.01 28.24 3.52
N ILE A 109 5.35 28.20 3.61
CA ILE A 109 6.13 29.03 4.53
C ILE A 109 6.27 30.49 4.10
N ALA A 110 6.36 30.73 2.79
CA ALA A 110 6.28 32.08 2.26
C ALA A 110 4.88 32.66 2.56
N HIS A 111 3.82 31.88 2.37
CA HIS A 111 2.50 32.34 2.74
C HIS A 111 2.45 32.81 4.23
N VAL A 112 2.95 31.99 5.16
CA VAL A 112 2.93 32.36 6.60
C VAL A 112 3.72 33.64 6.83
N ASN A 113 4.96 33.66 6.29
CA ASN A 113 5.90 34.76 6.50
C ASN A 113 5.29 36.04 5.93
N SER A 114 4.72 36.01 4.73
CA SER A 114 4.04 37.16 4.14
C SER A 114 2.72 37.61 4.76
N HIS A 115 1.97 36.74 5.46
CA HIS A 115 0.74 37.21 6.14
C HIS A 115 0.85 37.47 7.67
N ASP A 116 2.07 37.34 8.19
CA ASP A 116 2.37 37.29 9.63
C ASP A 116 1.45 36.34 10.34
N SER A 117 1.29 35.13 9.81
CA SER A 117 0.23 34.28 10.29
C SER A 117 0.87 33.05 10.90
N ALA A 118 0.11 31.97 10.99
CA ALA A 118 0.53 30.78 11.72
C ALA A 118 0.62 29.57 10.81
N LEU A 119 1.64 28.73 11.05
CA LEU A 119 1.79 27.47 10.39
C LEU A 119 1.20 26.40 11.32
N HIS A 120 0.29 25.60 10.78
CA HIS A 120 -0.28 24.43 11.46
C HIS A 120 0.16 23.12 10.78
N ILE A 121 0.30 22.06 11.56
CA ILE A 121 0.70 20.76 11.01
C ILE A 121 -0.25 19.75 11.54
N PHE A 122 -0.94 19.02 10.65
CA PHE A 122 -1.85 17.96 11.04
C PHE A 122 -1.13 16.64 10.65
N GLY A 123 -1.37 15.63 11.44
CA GLY A 123 -1.14 14.23 11.05
C GLY A 123 -1.18 13.18 12.16
N LEU A 124 -1.14 11.92 11.75
CA LEU A 124 -1.20 10.75 12.60
C LEU A 124 0.21 10.59 13.21
N LEU A 125 0.29 10.80 14.53
CA LEU A 125 1.53 10.85 15.24
C LEU A 125 1.94 9.49 15.71
N SER A 126 2.40 8.68 14.77
CA SER A 126 2.97 7.39 15.14
C SER A 126 3.97 6.97 14.10
N ASP A 127 4.60 5.82 14.33
CA ASP A 127 5.44 5.18 13.31
C ASP A 127 4.74 4.01 12.61
N GLY A 128 3.42 4.02 12.59
CA GLY A 128 2.65 2.93 11.98
C GLY A 128 3.03 2.74 10.52
N GLY A 129 3.19 3.83 9.80
CA GLY A 129 3.66 3.75 8.45
C GLY A 129 2.54 3.43 7.45
N VAL A 130 1.30 3.26 7.90
CA VAL A 130 0.21 3.00 6.98
C VAL A 130 -0.34 4.32 6.40
N HIS A 131 -0.53 5.31 7.28
CA HIS A 131 -1.10 6.63 6.94
C HIS A 131 -0.15 7.79 6.95
N SER A 132 0.95 7.60 7.70
CA SER A 132 1.91 8.65 8.00
C SER A 132 3.20 8.05 8.56
N HIS A 133 4.14 8.94 8.82
CA HIS A 133 5.23 8.61 9.75
C HIS A 133 5.65 9.85 10.48
N TYR A 134 5.59 9.78 11.81
CA TYR A 134 5.79 10.97 12.67
C TYR A 134 7.18 11.60 12.47
N LYS A 135 8.14 10.84 11.96
CA LYS A 135 9.42 11.47 11.62
C LYS A 135 9.32 12.51 10.52
N HIS A 136 8.34 12.42 9.64
CA HIS A 136 8.13 13.46 8.69
C HIS A 136 7.70 14.77 9.38
N LEU A 137 7.01 14.66 10.52
CA LEU A 137 6.72 15.87 11.27
C LEU A 137 8.01 16.52 11.70
N PHE A 138 8.99 15.74 12.12
CA PHE A 138 10.18 16.33 12.65
C PHE A 138 10.96 17.05 11.53
N ALA A 139 10.95 16.48 10.34
CA ALA A 139 11.55 17.09 9.18
C ALA A 139 10.87 18.40 8.80
N LEU A 140 9.53 18.46 8.85
CA LEU A 140 8.80 19.75 8.65
C LEU A 140 9.21 20.81 9.71
N LEU A 141 9.38 20.41 10.96
CA LEU A 141 9.76 21.36 12.01
C LEU A 141 11.16 21.91 11.74
N GLU A 142 12.06 21.03 11.34
CA GLU A 142 13.40 21.43 10.94
C GLU A 142 13.33 22.41 9.79
N LEU A 143 12.46 22.19 8.83
CA LEU A 143 12.36 23.11 7.68
C LEU A 143 11.80 24.49 8.09
N ALA A 144 10.77 24.44 8.89
CA ALA A 144 10.16 25.65 9.40
C ALA A 144 11.15 26.47 10.19
N LYS A 145 12.01 25.81 10.97
CA LYS A 145 12.97 26.54 11.81
C LYS A 145 14.02 27.21 10.93
N LYS A 146 14.55 26.42 10.01
CA LYS A 146 15.46 26.87 8.97
C LYS A 146 14.96 28.13 8.21
N GLN A 147 13.69 28.18 7.83
CA GLN A 147 13.14 29.36 7.16
C GLN A 147 12.59 30.44 8.12
N GLY A 148 12.92 30.31 9.40
CA GLY A 148 12.50 31.27 10.43
C GLY A 148 11.02 31.38 10.71
N VAL A 149 10.27 30.28 10.80
CA VAL A 149 8.84 30.46 11.01
C VAL A 149 8.53 30.98 12.42
N GLU A 150 9.33 30.64 13.42
CA GLU A 150 9.09 31.20 14.78
C GLU A 150 8.22 30.29 15.66
N LYS A 151 6.89 30.20 15.40
CA LYS A 151 6.16 28.95 15.83
C LYS A 151 5.00 28.30 14.97
N VAL A 152 4.83 27.04 15.34
CA VAL A 152 4.21 26.02 14.55
C VAL A 152 3.28 25.34 15.54
N TYR A 153 2.02 25.27 15.15
CA TYR A 153 0.99 24.60 15.94
C TYR A 153 0.83 23.19 15.39
N VAL A 154 1.04 22.17 16.22
CA VAL A 154 0.93 20.77 15.77
C VAL A 154 -0.35 20.16 16.33
N HIS A 155 -1.21 19.68 15.44
CA HIS A 155 -2.45 19.02 15.81
C HIS A 155 -2.24 17.51 15.70
N ALA A 156 -2.18 16.86 16.84
CA ALA A 156 -1.81 15.44 16.87
C ALA A 156 -3.02 14.60 16.74
N PHE A 157 -2.94 13.63 15.85
CA PHE A 157 -3.99 12.61 15.74
C PHE A 157 -3.34 11.29 16.24
N LEU A 158 -3.93 10.69 17.26
CA LEU A 158 -3.34 9.52 17.89
C LEU A 158 -3.82 8.23 17.29
N ASP A 159 -2.91 7.23 17.27
CA ASP A 159 -3.04 6.04 16.46
C ASP A 159 -3.66 4.92 17.25
N GLY A 160 -2.78 4.11 17.89
CA GLY A 160 -3.26 2.93 18.62
C GLY A 160 -3.84 1.81 17.77
N ARG A 161 -3.77 1.94 16.43
CA ARG A 161 -4.40 0.96 15.52
C ARG A 161 -3.37 0.38 14.55
N ASP A 162 -2.52 1.20 13.97
CA ASP A 162 -1.44 0.64 13.17
C ASP A 162 -0.22 0.38 14.08
N VAL A 163 -0.38 0.59 15.39
CA VAL A 163 0.67 0.38 16.41
C VAL A 163 -0.05 -0.05 17.67
N ASP A 164 0.71 -0.32 18.72
CA ASP A 164 0.18 -0.81 19.98
C ASP A 164 -0.90 0.17 20.42
N GLN A 165 -2.02 -0.37 20.91
CA GLN A 165 -3.18 0.44 21.28
C GLN A 165 -2.96 1.49 22.37
N LYS A 166 -1.96 1.30 23.22
CA LYS A 166 -1.57 2.36 24.11
C LYS A 166 -0.10 2.71 23.95
N SER A 167 0.23 3.46 22.90
CA SER A 167 1.62 3.88 22.64
C SER A 167 1.78 5.38 22.47
N ALA A 168 0.66 6.16 22.53
CA ALA A 168 0.70 7.60 22.23
C ALA A 168 1.66 8.38 23.07
N LEU A 169 1.78 7.99 24.34
CA LEU A 169 2.62 8.73 25.27
C LEU A 169 4.06 8.70 24.86
N LYS A 170 4.52 7.59 24.32
CA LYS A 170 5.92 7.60 23.78
C LYS A 170 6.11 8.57 22.64
N TYR A 171 5.18 8.62 21.68
CA TYR A 171 5.38 9.51 20.55
C TYR A 171 5.25 10.95 21.02
N ILE A 172 4.32 11.18 21.93
CA ILE A 172 4.17 12.57 22.47
C ILE A 172 5.46 13.04 23.19
N GLU A 173 6.00 12.20 24.05
CA GLU A 173 7.24 12.54 24.76
C GLU A 173 8.35 12.87 23.75
N GLU A 174 8.56 11.98 22.80
CA GLU A 174 9.63 12.19 21.86
C GLU A 174 9.40 13.45 21.05
N THR A 175 8.16 13.75 20.71
CA THR A 175 7.87 14.97 19.95
C THR A 175 8.06 16.22 20.81
N GLU A 176 7.69 16.15 22.10
CA GLU A 176 7.96 17.25 23.03
C GLU A 176 9.46 17.51 23.16
N ALA A 177 10.28 16.47 23.21
CA ALA A 177 11.71 16.69 23.20
C ALA A 177 12.19 17.33 21.88
N LYS A 178 11.63 16.92 20.73
CA LYS A 178 11.98 17.59 19.48
C LYS A 178 11.69 19.05 19.52
N PHE A 179 10.51 19.46 20.04
CA PHE A 179 10.16 20.88 20.13
C PHE A 179 11.27 21.66 20.89
N ASN A 180 11.76 21.08 21.98
CA ASN A 180 12.82 21.73 22.78
C ASN A 180 14.14 21.74 22.08
N GLU A 181 14.50 20.58 21.51
CA GLU A 181 15.73 20.42 20.75
C GLU A 181 15.87 21.34 19.57
N LEU A 182 14.80 21.47 18.81
CA LEU A 182 14.86 22.26 17.60
C LEU A 182 14.50 23.68 17.91
N GLY A 183 13.99 23.92 19.10
CA GLY A 183 13.59 25.28 19.49
C GLY A 183 12.31 25.79 18.87
N ILE A 184 11.41 24.90 18.41
CA ILE A 184 10.21 25.33 17.70
C ILE A 184 9.01 24.35 17.86
N GLY A 185 7.82 24.90 17.90
CA GLY A 185 6.58 24.12 17.74
C GLY A 185 6.03 23.71 19.10
N GLN A 186 4.75 23.35 19.11
CA GLN A 186 3.98 23.03 20.31
C GLN A 186 2.72 22.30 19.91
N PHE A 187 2.25 21.45 20.82
CA PHE A 187 0.99 20.78 20.58
C PHE A 187 -0.16 21.73 20.85
N ALA A 188 -1.04 21.84 19.86
CA ALA A 188 -2.16 22.71 19.90
C ALA A 188 -3.44 21.96 20.21
N SER A 189 -3.58 20.74 19.65
CA SER A 189 -4.76 19.94 19.93
C SER A 189 -4.40 18.49 19.77
N VAL A 190 -5.23 17.60 20.30
CA VAL A 190 -4.90 16.20 20.35
C VAL A 190 -6.19 15.45 20.17
N SER A 191 -6.28 14.61 19.13
CA SER A 191 -7.50 13.90 18.78
C SER A 191 -7.21 12.43 18.44
N GLY A 192 -8.00 11.49 18.97
CA GLY A 192 -7.93 10.12 18.47
C GLY A 192 -8.28 10.08 16.98
N ARG A 193 -7.68 9.16 16.28
CA ARG A 193 -7.91 9.01 14.84
C ARG A 193 -9.37 8.61 14.53
N TYR A 194 -10.07 8.05 15.52
CA TYR A 194 -11.54 7.80 15.39
C TYR A 194 -12.26 9.06 15.00
N TYR A 195 -11.75 10.20 15.46
CA TYR A 195 -12.41 11.48 15.26
C TYR A 195 -11.86 12.22 14.03
N ALA A 196 -10.56 12.33 13.98
CA ALA A 196 -9.90 13.09 12.93
C ALA A 196 -9.74 12.32 11.68
N MET A 197 -9.78 10.99 11.77
CA MET A 197 -9.45 10.14 10.59
C MET A 197 -10.55 9.13 10.25
N ASP A 198 -11.79 9.56 10.42
CA ASP A 198 -12.93 8.78 9.94
C ASP A 198 -12.87 8.68 8.43
N ARG A 199 -13.37 7.58 7.86
CA ARG A 199 -13.60 7.55 6.42
C ARG A 199 -15.05 7.13 6.02
N ASP A 200 -16.03 7.23 6.88
CA ASP A 200 -17.43 6.82 6.56
C ASP A 200 -18.43 7.95 6.69
N LYS A 201 -17.95 9.16 6.45
CA LYS A 201 -18.76 10.34 6.48
C LYS A 201 -19.58 10.44 7.74
N ARG A 202 -18.99 10.05 8.89
CA ARG A 202 -19.60 10.32 10.18
C ARG A 202 -19.06 11.64 10.66
N TRP A 203 -19.79 12.67 10.26
CA TRP A 203 -19.32 14.05 10.40
C TRP A 203 -19.34 14.58 11.81
N GLU A 204 -20.23 14.05 12.67
CA GLU A 204 -20.22 14.41 14.09
C GLU A 204 -18.88 13.99 14.82
N ARG A 205 -18.27 12.87 14.43
CA ARG A 205 -16.94 12.49 14.94
C ARG A 205 -15.92 13.52 14.47
N GLU A 206 -15.89 13.80 13.17
CA GLU A 206 -14.99 14.83 12.57
C GLU A 206 -15.12 16.24 13.16
N GLU A 207 -16.35 16.64 13.47
CA GLU A 207 -16.59 17.98 13.95
C GLU A 207 -15.89 18.24 15.27
N LYS A 208 -15.75 17.20 16.08
CA LYS A 208 -15.12 17.34 17.36
C LYS A 208 -13.66 17.56 17.15
N ALA A 209 -13.06 16.82 16.22
CA ALA A 209 -11.64 17.12 15.91
C ALA A 209 -11.46 18.55 15.41
N TYR A 210 -12.30 18.94 14.47
CA TYR A 210 -12.31 20.29 13.88
C TYR A 210 -12.43 21.37 14.92
N ASN A 211 -13.36 21.21 15.83
CA ASN A 211 -13.54 22.19 16.94
C ASN A 211 -12.36 22.28 17.88
N ALA A 212 -11.73 21.13 18.23
CA ALA A 212 -10.45 21.23 18.96
C ALA A 212 -9.34 21.97 18.16
N ILE A 213 -9.13 21.50 16.93
CA ILE A 213 -8.08 22.10 16.08
C ILE A 213 -8.26 23.63 16.02
N ARG A 214 -9.52 24.05 15.87
CA ARG A 214 -9.91 25.48 15.78
C ARG A 214 -10.09 26.26 17.07
N ASN A 215 -9.88 25.64 18.22
CA ASN A 215 -10.01 26.37 19.48
C ASN A 215 -11.44 26.83 19.68
N PHE A 216 -12.39 26.13 19.08
CA PHE A 216 -13.79 26.28 19.38
C PHE A 216 -14.13 25.42 20.61
N ASP A 217 -15.15 24.56 20.49
CA ASP A 217 -15.65 23.76 21.57
C ASP A 217 -14.77 22.52 21.78
N ALA A 218 -14.07 22.46 22.92
CA ALA A 218 -13.49 21.19 23.34
C ALA A 218 -12.98 21.29 24.78
N PRO A 219 -12.75 20.15 25.45
CA PRO A 219 -12.06 20.10 26.72
C PRO A 219 -10.67 20.63 26.54
N THR A 220 -10.09 21.15 27.62
CA THR A 220 -8.68 21.55 27.57
C THR A 220 -7.87 20.96 28.70
N TYR A 221 -6.63 20.60 28.37
CA TYR A 221 -5.68 20.05 29.28
C TYR A 221 -4.42 20.85 29.18
N ALA A 222 -3.59 20.79 30.21
CA ALA A 222 -2.35 21.62 30.22
C ALA A 222 -1.25 21.06 29.34
N THR A 223 -1.29 19.76 29.10
CA THR A 223 -0.29 19.18 28.24
C THR A 223 -0.97 18.05 27.45
N ALA A 224 -0.34 17.65 26.37
CA ALA A 224 -0.82 16.54 25.61
C ALA A 224 -0.87 15.27 26.48
N LYS A 225 0.22 15.00 27.19
CA LYS A 225 0.25 13.90 28.13
C LYS A 225 -0.92 13.89 29.06
N GLU A 226 -1.24 15.02 29.68
CA GLU A 226 -2.27 15.07 30.71
C GLU A 226 -3.58 14.64 30.11
N GLY A 227 -3.89 15.11 28.91
CA GLY A 227 -5.21 14.84 28.35
C GLY A 227 -5.29 13.36 27.94
N VAL A 228 -4.19 12.82 27.47
CA VAL A 228 -4.16 11.40 27.10
C VAL A 228 -4.29 10.46 28.32
N GLU A 229 -3.61 10.80 29.39
CA GLU A 229 -3.65 10.03 30.62
C GLU A 229 -5.06 10.12 31.19
N ALA A 230 -5.70 11.29 31.09
CA ALA A 230 -7.12 11.41 31.56
C ALA A 230 -7.98 10.44 30.76
N SER A 231 -7.71 10.34 29.48
CA SER A 231 -8.49 9.43 28.61
C SER A 231 -8.25 7.98 29.06
N TYR A 232 -6.99 7.66 29.32
CA TYR A 232 -6.66 6.28 29.72
C TYR A 232 -7.40 5.90 31.01
N ASN A 233 -7.52 6.85 31.92
CA ASN A 233 -8.08 6.59 33.22
C ASN A 233 -9.56 6.34 33.09
N GLU A 234 -10.16 6.91 32.05
CA GLU A 234 -11.52 6.60 31.64
C GLU A 234 -11.71 5.35 30.78
N GLY A 235 -10.69 4.60 30.50
CA GLY A 235 -10.87 3.49 29.57
C GLY A 235 -10.91 3.77 28.08
N LEU A 236 -10.48 4.96 27.66
CA LEU A 236 -10.41 5.31 26.26
C LEU A 236 -8.94 5.39 25.78
N THR A 237 -8.49 4.39 25.03
CA THR A 237 -7.10 4.28 24.57
C THR A 237 -6.87 5.19 23.37
N ASP A 238 -5.65 5.17 22.82
CA ASP A 238 -5.21 6.21 21.82
C ASP A 238 -6.26 6.56 20.73
N GLU A 239 -6.71 5.55 20.02
CA GLU A 239 -7.58 5.69 18.88
C GLU A 239 -8.80 6.50 19.21
N PHE A 240 -9.21 6.44 20.51
CA PHE A 240 -10.50 6.94 20.93
C PHE A 240 -10.40 8.18 21.81
N VAL A 241 -9.22 8.80 21.86
CA VAL A 241 -9.07 9.99 22.68
C VAL A 241 -10.04 11.10 22.17
N VAL A 242 -10.83 11.67 23.08
CA VAL A 242 -11.78 12.71 22.71
C VAL A 242 -10.97 13.94 22.43
N PRO A 243 -11.21 14.61 21.31
CA PRO A 243 -10.30 15.67 20.95
C PRO A 243 -10.21 16.72 22.03
N PHE A 244 -9.01 17.18 22.30
CA PHE A 244 -8.85 18.28 23.22
C PHE A 244 -7.87 19.32 22.81
N ILE A 245 -8.00 20.46 23.49
CA ILE A 245 -7.14 21.64 23.27
C ILE A 245 -6.05 21.69 24.35
N VAL A 246 -4.84 22.06 23.96
CA VAL A 246 -3.76 22.25 24.91
C VAL A 246 -3.71 23.72 25.37
N GLU A 247 -3.94 23.90 26.66
CA GLU A 247 -4.16 25.21 27.26
C GLU A 247 -2.99 26.13 26.92
N ASN A 248 -3.36 27.31 26.46
CA ASN A 248 -2.43 28.38 26.01
C ASN A 248 -1.56 28.05 24.87
N GLN A 249 -1.85 26.98 24.14
CA GLN A 249 -0.94 26.59 23.05
C GLN A 249 -1.67 26.53 21.73
N ASN A 250 -2.89 27.05 21.70
CA ASN A 250 -3.77 27.01 20.57
C ASN A 250 -4.45 28.40 20.34
N ASP A 251 -4.03 29.12 19.33
CA ASP A 251 -4.66 30.44 18.96
C ASP A 251 -5.60 30.34 17.77
N GLY A 252 -6.04 29.12 17.46
CA GLY A 252 -6.97 28.88 16.36
C GLY A 252 -6.35 28.93 14.97
N VAL A 253 -7.18 28.57 14.00
CA VAL A 253 -6.80 28.63 12.59
C VAL A 253 -7.48 29.94 12.08
N ASN A 254 -6.69 30.93 11.73
CA ASN A 254 -7.19 32.27 11.40
C ASN A 254 -6.85 32.65 9.98
N ASP A 255 -7.54 33.67 9.44
CA ASP A 255 -7.31 34.03 8.02
C ASP A 255 -5.86 34.33 7.80
N GLY A 256 -5.34 33.85 6.70
CA GLY A 256 -3.93 33.97 6.46
C GLY A 256 -3.05 32.78 6.79
N ASP A 257 -3.56 31.83 7.58
CA ASP A 257 -2.72 30.71 8.08
C ASP A 257 -2.41 29.69 6.99
N ALA A 258 -1.52 28.76 7.31
CA ALA A 258 -1.19 27.64 6.44
C ALA A 258 -1.30 26.33 7.26
N VAL A 259 -1.71 25.27 6.58
CA VAL A 259 -1.76 23.92 7.11
C VAL A 259 -0.92 22.99 6.23
N ILE A 260 -0.06 22.16 6.83
CA ILE A 260 0.54 21.00 6.15
C ILE A 260 0.02 19.72 6.78
N PHE A 261 -0.59 18.83 6.00
CA PHE A 261 -1.11 17.60 6.51
C PHE A 261 -0.11 16.56 6.04
N TYR A 262 0.63 15.97 6.97
CA TYR A 262 1.65 15.00 6.58
C TYR A 262 1.18 13.59 6.29
N ASN A 263 -0.10 13.30 6.50
CA ASN A 263 -0.60 11.98 6.10
C ASN A 263 -0.36 11.82 4.58
N PHE A 264 0.07 10.64 4.13
CA PHE A 264 0.21 10.31 2.72
C PHE A 264 -0.90 9.37 2.20
N ARG A 265 -1.71 8.78 3.06
CA ARG A 265 -2.76 7.90 2.59
C ARG A 265 -4.11 8.66 2.44
N PRO A 266 -4.71 8.68 1.23
CA PRO A 266 -5.90 9.49 1.02
C PRO A 266 -7.09 9.21 1.90
N ASP A 267 -7.44 7.94 2.09
CA ASP A 267 -8.81 7.62 2.54
C ASP A 267 -9.20 8.23 3.91
N ARG A 268 -8.31 8.17 4.91
CA ARG A 268 -8.67 8.71 6.18
C ARG A 268 -8.31 10.18 6.42
N ALA A 269 -7.69 10.85 5.43
CA ALA A 269 -7.26 12.29 5.52
C ALA A 269 -8.17 13.25 4.75
N ALA A 270 -8.91 12.68 3.81
CA ALA A 270 -9.81 13.42 2.96
C ALA A 270 -10.90 14.17 3.65
N GLN A 271 -11.57 13.53 4.58
CA GLN A 271 -12.75 14.18 5.19
C GLN A 271 -12.39 15.46 5.94
N LEU A 272 -11.34 15.42 6.77
CA LEU A 272 -10.93 16.55 7.54
C LEU A 272 -10.49 17.64 6.60
N SER A 273 -9.83 17.26 5.52
CA SER A 273 -9.33 18.20 4.54
C SER A 273 -10.51 18.90 3.78
N GLU A 274 -11.59 18.17 3.53
CA GLU A 274 -12.78 18.75 2.95
C GLU A 274 -13.37 19.80 3.84
N ILE A 275 -13.30 19.56 5.14
CA ILE A 275 -13.88 20.51 6.11
C ILE A 275 -13.21 21.86 6.01
N PHE A 276 -11.88 21.84 5.85
CA PHE A 276 -11.12 23.06 5.78
C PHE A 276 -11.04 23.69 4.41
N ALA A 277 -11.14 22.86 3.36
CA ALA A 277 -10.60 23.23 2.07
C ALA A 277 -11.40 22.82 0.81
N ASN A 278 -12.59 22.28 1.01
CA ASN A 278 -13.60 22.12 -0.04
C ASN A 278 -14.65 23.24 0.19
N ARG A 279 -14.69 24.29 -0.63
CA ARG A 279 -15.67 25.41 -0.46
C ARG A 279 -17.13 24.92 -0.55
N ALA A 280 -17.32 23.80 -1.23
CA ALA A 280 -18.64 23.20 -1.32
C ALA A 280 -19.00 22.32 -0.12
N PHE A 281 -18.08 22.17 0.85
CA PHE A 281 -18.32 21.24 1.96
C PHE A 281 -19.66 21.55 2.60
N GLU A 282 -20.50 20.51 2.76
CA GLU A 282 -21.82 20.62 3.41
C GLU A 282 -22.07 19.60 4.53
N GLY A 283 -21.09 18.79 4.91
CA GLY A 283 -21.26 17.87 6.05
C GLY A 283 -21.83 18.45 7.32
N PHE A 284 -21.36 19.63 7.67
CA PHE A 284 -21.97 20.45 8.71
C PHE A 284 -21.58 21.86 8.34
N LYS A 285 -22.18 22.82 9.01
CA LYS A 285 -22.02 24.20 8.59
C LYS A 285 -20.70 24.75 9.12
N VAL A 286 -19.95 25.42 8.26
CA VAL A 286 -18.69 26.00 8.69
C VAL A 286 -18.53 27.38 8.14
N GLU A 287 -17.70 28.21 8.80
CA GLU A 287 -17.12 29.41 8.22
C GLU A 287 -15.64 29.16 7.91
N GLN A 288 -15.35 28.89 6.63
CA GLN A 288 -14.00 28.50 6.22
C GLN A 288 -13.01 29.60 6.40
N VAL A 289 -11.76 29.23 6.58
CA VAL A 289 -10.73 30.19 6.82
C VAL A 289 -10.45 30.85 5.48
N LYS A 290 -10.18 32.14 5.49
CA LYS A 290 -9.87 32.89 4.25
C LYS A 290 -8.36 32.98 4.05
N ASP A 291 -7.89 32.89 2.80
CA ASP A 291 -6.45 32.99 2.46
C ASP A 291 -5.71 31.83 3.18
N LEU A 292 -6.39 30.69 3.24
CA LEU A 292 -5.81 29.53 3.85
C LEU A 292 -4.88 28.84 2.83
N PHE A 293 -3.60 28.62 3.13
CA PHE A 293 -2.73 27.82 2.29
C PHE A 293 -2.79 26.39 2.83
N TYR A 294 -3.34 25.46 2.06
CA TYR A 294 -3.63 24.13 2.56
C TYR A 294 -2.85 23.13 1.75
N ALA A 295 -1.80 22.59 2.36
CA ALA A 295 -0.91 21.64 1.70
C ALA A 295 -1.16 20.23 2.25
N THR A 296 -1.37 19.28 1.34
CA THR A 296 -1.46 17.87 1.71
C THR A 296 -0.27 17.07 1.11
N PHE A 297 0.25 16.07 1.83
CA PHE A 297 1.42 15.35 1.37
C PHE A 297 1.15 14.65 0.05
N THR A 298 -0.03 14.07 -0.11
CA THR A 298 -0.48 13.58 -1.40
C THR A 298 -1.83 14.16 -1.74
N LYS A 299 -2.35 13.83 -2.92
CA LYS A 299 -3.66 14.31 -3.29
C LYS A 299 -4.69 13.37 -2.74
N TYR A 300 -5.56 13.85 -1.85
CA TYR A 300 -6.45 12.95 -1.16
C TYR A 300 -7.77 12.72 -1.94
N ASN A 301 -8.30 13.75 -2.60
CA ASN A 301 -9.37 13.63 -3.63
C ASN A 301 -9.43 14.90 -4.50
N ASP A 302 -10.38 14.97 -5.42
CA ASP A 302 -10.42 16.12 -6.35
C ASP A 302 -11.23 17.28 -5.87
N ASN A 303 -11.89 17.11 -4.72
CA ASN A 303 -12.72 18.13 -4.18
C ASN A 303 -11.99 19.04 -3.15
N ILE A 304 -10.75 18.73 -2.84
CA ILE A 304 -9.99 19.55 -1.90
C ILE A 304 -9.13 20.54 -2.60
N ASP A 305 -9.29 21.84 -2.36
CA ASP A 305 -8.38 22.84 -2.88
C ASP A 305 -7.01 22.83 -2.10
N ALA A 306 -6.12 21.95 -2.52
CA ALA A 306 -4.82 21.83 -1.85
C ALA A 306 -3.66 21.92 -2.82
N ALA A 307 -2.54 22.39 -2.31
CA ALA A 307 -1.28 22.23 -2.93
C ALA A 307 -0.72 20.86 -2.52
N ILE A 308 -0.26 20.08 -3.50
CA ILE A 308 0.17 18.67 -3.33
C ILE A 308 1.68 18.63 -3.22
N VAL A 309 2.15 18.21 -2.04
CA VAL A 309 3.57 18.13 -1.79
C VAL A 309 4.24 17.04 -2.68
N PHE A 310 3.69 15.83 -2.74
CA PHE A 310 4.31 14.77 -3.56
C PHE A 310 3.32 14.30 -4.58
N GLU A 311 3.48 14.73 -5.82
CA GLU A 311 2.55 14.40 -6.87
C GLU A 311 2.68 12.96 -7.30
N LYS A 312 1.54 12.38 -7.62
CA LYS A 312 1.45 11.07 -8.25
C LYS A 312 2.34 11.01 -9.49
N VAL A 313 3.09 9.91 -9.60
CA VAL A 313 3.91 9.61 -10.76
C VAL A 313 3.28 8.51 -11.60
N ASP A 314 2.97 8.84 -12.84
CA ASP A 314 2.39 7.85 -13.73
C ASP A 314 3.47 6.92 -14.24
N LEU A 315 3.13 5.67 -14.46
CA LEU A 315 4.11 4.66 -14.83
C LEU A 315 3.97 4.46 -16.32
N ASN A 316 4.99 4.80 -17.06
CA ASN A 316 4.99 4.51 -18.50
C ASN A 316 5.62 3.13 -18.67
N ASN A 317 5.23 2.43 -19.74
CA ASN A 317 5.87 1.21 -20.17
C ASN A 317 5.82 0.09 -19.13
N THR A 318 4.64 -0.04 -18.50
CA THR A 318 4.31 -1.27 -17.86
C THR A 318 4.18 -2.39 -18.91
N ILE A 319 4.19 -3.64 -18.42
CA ILE A 319 4.21 -4.80 -19.29
C ILE A 319 3.08 -4.71 -20.36
N GLY A 320 1.90 -4.29 -19.90
CA GLY A 320 0.71 -4.21 -20.78
C GLY A 320 0.85 -3.15 -21.89
N GLU A 321 1.47 -2.05 -21.55
CA GLU A 321 1.73 -1.03 -22.55
C GLU A 321 2.77 -1.46 -23.59
N ILE A 322 3.81 -2.18 -23.12
CA ILE A 322 4.78 -2.75 -24.03
C ILE A 322 4.22 -3.80 -24.95
N ALA A 323 3.36 -4.63 -24.40
CA ALA A 323 2.66 -5.60 -25.21
C ALA A 323 1.83 -4.93 -26.29
N GLN A 324 1.04 -3.95 -25.92
CA GLN A 324 0.29 -3.12 -26.87
C GLN A 324 1.21 -2.60 -28.01
N ASN A 325 2.34 -2.04 -27.63
CA ASN A 325 3.18 -1.36 -28.60
C ASN A 325 3.95 -2.31 -29.43
N ASN A 326 3.87 -3.61 -29.11
CA ASN A 326 4.40 -4.61 -29.99
C ASN A 326 3.31 -5.37 -30.73
N ASN A 327 2.12 -4.79 -30.83
CA ASN A 327 0.98 -5.46 -31.46
C ASN A 327 0.67 -6.84 -30.95
N LEU A 328 0.78 -7.02 -29.65
CA LEU A 328 0.48 -8.32 -29.01
C LEU A 328 -0.87 -8.27 -28.35
N THR A 329 -1.50 -9.41 -28.18
CA THR A 329 -2.76 -9.47 -27.46
C THR A 329 -2.53 -10.01 -26.04
N GLN A 330 -3.38 -9.57 -25.11
CA GLN A 330 -3.19 -9.94 -23.71
C GLN A 330 -4.51 -10.13 -22.99
N LEU A 331 -4.45 -10.99 -21.99
CA LEU A 331 -5.63 -11.33 -21.17
C LEU A 331 -5.22 -11.10 -19.73
N ARG A 332 -6.06 -10.41 -18.98
CA ARG A 332 -5.95 -10.31 -17.54
C ARG A 332 -7.11 -11.14 -16.96
N ILE A 333 -6.83 -12.06 -16.04
CA ILE A 333 -7.88 -12.95 -15.51
C ILE A 333 -7.66 -13.29 -14.04
N ALA A 334 -8.73 -13.21 -13.27
CA ALA A 334 -8.73 -13.61 -11.87
C ALA A 334 -10.17 -13.55 -11.37
N GLU A 335 -10.37 -14.17 -10.21
CA GLU A 335 -11.57 -13.98 -9.47
C GLU A 335 -11.63 -12.65 -8.76
N THR A 336 -12.83 -12.23 -8.39
CA THR A 336 -13.10 -10.88 -7.89
C THR A 336 -12.03 -10.36 -6.92
N GLU A 337 -11.71 -11.19 -5.95
CA GLU A 337 -10.84 -10.80 -4.88
C GLU A 337 -9.46 -10.33 -5.40
N LYS A 338 -8.98 -10.78 -6.58
CA LYS A 338 -7.67 -10.27 -7.11
C LYS A 338 -7.77 -9.66 -8.54
N TYR A 339 -9.01 -9.31 -8.92
CA TYR A 339 -9.28 -8.76 -10.25
C TYR A 339 -8.69 -7.34 -10.38
N PRO A 340 -8.90 -6.43 -9.38
CA PRO A 340 -8.19 -5.15 -9.45
C PRO A 340 -6.66 -5.30 -9.57
N HIS A 341 -6.14 -6.37 -9.00
CA HIS A 341 -4.71 -6.60 -8.98
C HIS A 341 -4.14 -6.90 -10.39
N VAL A 342 -4.87 -7.70 -11.14
CA VAL A 342 -4.41 -8.20 -12.40
C VAL A 342 -4.84 -7.20 -13.52
N THR A 343 -5.70 -6.26 -13.16
CA THR A 343 -6.13 -5.16 -14.04
C THR A 343 -5.43 -3.82 -13.67
N TYR A 344 -6.12 -3.00 -12.90
CA TYR A 344 -5.68 -1.69 -12.46
C TYR A 344 -4.24 -1.63 -11.95
N PHE A 345 -3.90 -2.43 -10.95
CA PHE A 345 -2.55 -2.40 -10.37
C PHE A 345 -1.47 -2.90 -11.36
N MET A 346 -1.76 -3.98 -12.08
CA MET A 346 -0.88 -4.55 -13.07
C MET A 346 -0.56 -3.53 -14.15
N SER A 347 -1.53 -2.69 -14.46
CA SER A 347 -1.39 -1.69 -15.52
C SER A 347 -0.82 -0.37 -15.01
N GLY A 348 -0.32 -0.37 -13.77
CA GLY A 348 0.45 0.78 -13.21
C GLY A 348 -0.51 1.79 -12.59
N GLY A 349 -1.70 1.31 -12.19
CA GLY A 349 -2.71 2.19 -11.62
C GLY A 349 -3.52 2.86 -12.73
N ARG A 350 -3.98 2.10 -13.70
CA ARG A 350 -4.75 2.59 -14.82
C ARG A 350 -5.94 1.60 -15.04
N ASN A 351 -7.17 2.10 -15.04
CA ASN A 351 -8.34 1.29 -15.34
C ASN A 351 -8.52 0.94 -16.82
N GLU A 352 -8.18 1.87 -17.72
CA GLU A 352 -8.40 1.70 -19.16
C GLU A 352 -7.62 0.52 -19.69
N GLU A 353 -8.28 -0.25 -20.54
CA GLU A 353 -7.68 -1.38 -21.22
C GLU A 353 -6.68 -0.82 -22.23
N PHE A 354 -5.57 -1.52 -22.42
CA PHE A 354 -4.68 -1.22 -23.58
C PHE A 354 -5.34 -1.78 -24.85
N LYS A 355 -4.88 -1.33 -26.01
CA LYS A 355 -5.29 -1.98 -27.25
C LYS A 355 -4.75 -3.40 -27.25
N GLY A 356 -5.57 -4.34 -27.67
CA GLY A 356 -5.20 -5.74 -27.66
C GLY A 356 -5.52 -6.45 -26.33
N GLU A 357 -5.94 -5.68 -25.32
CA GLU A 357 -6.21 -6.25 -23.97
C GLU A 357 -7.66 -6.68 -23.85
N ARG A 358 -7.86 -7.88 -23.34
CA ARG A 358 -9.19 -8.29 -22.88
C ARG A 358 -9.02 -8.86 -21.49
N ARG A 359 -10.15 -8.89 -20.77
CA ARG A 359 -10.17 -9.22 -19.34
C ARG A 359 -11.30 -10.24 -19.06
N ARG A 360 -11.08 -11.06 -18.02
CA ARG A 360 -12.11 -11.98 -17.57
C ARG A 360 -12.22 -11.90 -16.07
N LEU A 361 -13.38 -11.46 -15.60
CA LEU A 361 -13.72 -11.39 -14.18
C LEU A 361 -14.51 -12.65 -13.85
N ILE A 362 -14.07 -13.41 -12.87
CA ILE A 362 -14.88 -14.57 -12.35
C ILE A 362 -15.32 -14.18 -10.96
N ASP A 363 -16.60 -14.34 -10.64
CA ASP A 363 -17.13 -13.95 -9.34
C ASP A 363 -16.59 -14.82 -8.21
N SER A 364 -16.15 -14.17 -7.13
CA SER A 364 -15.65 -14.83 -5.95
C SER A 364 -16.89 -15.27 -5.15
N PRO A 365 -16.74 -16.28 -4.33
CA PRO A 365 -17.93 -16.61 -3.51
C PRO A 365 -18.17 -15.52 -2.46
N LYS A 366 -19.45 -15.34 -2.08
CA LYS A 366 -19.85 -14.31 -1.13
C LYS A 366 -19.81 -14.84 0.26
N VAL A 367 -18.63 -14.97 0.84
CA VAL A 367 -18.53 -15.51 2.20
C VAL A 367 -17.71 -14.56 3.00
N ALA A 368 -17.91 -14.57 4.31
CA ALA A 368 -17.20 -13.68 5.17
C ALA A 368 -15.73 -13.94 5.28
N THR A 369 -15.39 -15.21 5.36
CA THR A 369 -14.00 -15.72 5.38
C THR A 369 -13.93 -16.93 4.44
N TYR A 370 -12.84 -17.05 3.70
CA TYR A 370 -12.74 -18.02 2.60
C TYR A 370 -12.35 -19.42 3.00
N ASP A 371 -12.03 -19.64 4.29
CA ASP A 371 -11.97 -20.98 4.78
C ASP A 371 -13.27 -21.74 4.54
N LEU A 372 -14.40 -21.05 4.31
CA LEU A 372 -15.63 -21.81 4.10
C LEU A 372 -15.75 -22.43 2.75
N LYS A 373 -14.98 -21.94 1.78
CA LYS A 373 -14.91 -22.54 0.49
C LYS A 373 -13.45 -22.37 -0.02
N PRO A 374 -12.55 -23.28 0.40
CA PRO A 374 -11.15 -23.06 0.10
C PRO A 374 -10.80 -23.03 -1.36
N GLU A 375 -11.50 -23.79 -2.16
CA GLU A 375 -11.34 -23.71 -3.62
C GLU A 375 -11.81 -22.41 -4.27
N MET A 376 -12.51 -21.59 -3.50
CA MET A 376 -13.10 -20.34 -4.00
C MET A 376 -13.66 -20.61 -5.41
N SER A 377 -13.32 -19.75 -6.38
CA SER A 377 -13.73 -19.91 -7.80
C SER A 377 -12.56 -20.34 -8.71
N ALA A 378 -11.59 -21.05 -8.14
CA ALA A 378 -10.37 -21.35 -8.84
C ALA A 378 -10.69 -22.24 -10.03
N TYR A 379 -11.61 -23.19 -9.90
CA TYR A 379 -11.93 -24.07 -11.05
C TYR A 379 -12.61 -23.31 -12.23
N GLU A 380 -13.44 -22.32 -11.93
CA GLU A 380 -14.14 -21.55 -12.94
C GLU A 380 -13.11 -20.59 -13.60
N VAL A 381 -12.11 -20.11 -12.83
CA VAL A 381 -11.04 -19.28 -13.41
C VAL A 381 -10.28 -20.15 -14.41
N LYS A 382 -9.96 -21.36 -14.00
CA LYS A 382 -9.25 -22.31 -14.84
C LYS A 382 -10.01 -22.66 -16.14
N ASP A 383 -11.28 -22.94 -16.01
CA ASP A 383 -12.10 -23.19 -17.19
C ASP A 383 -12.24 -21.97 -18.08
N ALA A 384 -12.39 -20.77 -17.49
CA ALA A 384 -12.43 -19.58 -18.36
C ALA A 384 -11.08 -19.45 -19.10
N LEU A 385 -9.99 -19.63 -18.39
CA LEU A 385 -8.73 -19.54 -19.03
C LEU A 385 -8.53 -20.56 -20.18
N LEU A 386 -8.94 -21.82 -19.97
CA LEU A 386 -8.82 -22.86 -21.01
C LEU A 386 -9.63 -22.48 -22.20
N GLU A 387 -10.77 -21.86 -21.95
CA GLU A 387 -11.62 -21.38 -23.02
C GLU A 387 -10.90 -20.31 -23.85
N GLU A 388 -10.20 -19.41 -23.17
CA GLU A 388 -9.46 -18.37 -23.87
C GLU A 388 -8.28 -18.90 -24.63
N LEU A 389 -7.52 -19.80 -24.03
CA LEU A 389 -6.36 -20.33 -24.72
C LEU A 389 -6.77 -21.16 -25.93
N ASN A 390 -7.93 -21.81 -25.86
CA ASN A 390 -8.45 -22.54 -27.06
C ASN A 390 -8.79 -21.67 -28.26
N LYS A 391 -8.98 -20.37 -28.05
CA LYS A 391 -9.09 -19.39 -29.15
C LYS A 391 -7.76 -19.20 -29.97
N GLY A 392 -6.62 -19.55 -29.37
CA GLY A 392 -5.33 -19.47 -30.08
C GLY A 392 -4.80 -18.06 -30.44
N ASP A 393 -5.39 -17.01 -29.87
CA ASP A 393 -5.13 -15.61 -30.29
C ASP A 393 -4.48 -14.74 -29.16
N LEU A 394 -4.00 -15.39 -28.10
CA LEU A 394 -3.35 -14.69 -27.02
C LEU A 394 -1.85 -14.81 -27.09
N ASP A 395 -1.18 -13.67 -27.00
CA ASP A 395 0.25 -13.64 -26.75
C ASP A 395 0.64 -13.68 -25.26
N LEU A 396 -0.07 -12.93 -24.40
CA LEU A 396 0.34 -12.73 -23.00
C LEU A 396 -0.85 -12.95 -22.11
N ILE A 397 -0.65 -13.70 -21.04
CA ILE A 397 -1.72 -13.92 -20.07
C ILE A 397 -1.15 -13.50 -18.72
N ILE A 398 -1.92 -12.74 -17.99
CA ILE A 398 -1.65 -12.42 -16.57
C ILE A 398 -2.82 -12.98 -15.77
N LEU A 399 -2.53 -14.06 -15.05
CA LEU A 399 -3.44 -14.79 -14.22
C LEU A 399 -3.05 -14.74 -12.75
N ASN A 400 -4.04 -14.66 -11.87
CA ASN A 400 -3.82 -14.76 -10.45
C ASN A 400 -4.78 -15.78 -9.89
N PHE A 401 -4.26 -16.71 -9.11
CA PHE A 401 -5.12 -17.57 -8.29
C PHE A 401 -5.13 -16.98 -6.88
N ALA A 402 -6.26 -16.44 -6.50
CA ALA A 402 -6.38 -15.74 -5.20
C ALA A 402 -6.25 -16.56 -3.92
N ASN A 403 -6.50 -17.83 -4.04
CA ASN A 403 -6.83 -18.64 -2.88
C ASN A 403 -5.78 -18.68 -1.71
N PRO A 404 -4.49 -18.86 -2.03
CA PRO A 404 -3.61 -19.07 -0.90
C PRO A 404 -3.62 -17.87 0.04
N ASP A 405 -3.69 -16.66 -0.55
CA ASP A 405 -3.70 -15.44 0.24
C ASP A 405 -5.05 -15.35 0.96
N MET A 406 -6.15 -15.44 0.21
CA MET A 406 -7.46 -15.13 0.80
C MET A 406 -7.87 -16.16 1.86
N VAL A 407 -7.59 -17.41 1.63
CA VAL A 407 -7.90 -18.47 2.64
C VAL A 407 -6.85 -18.37 3.72
N GLY A 408 -5.61 -18.15 3.37
CA GLY A 408 -4.60 -18.01 4.45
C GLY A 408 -4.84 -16.96 5.49
N HIS A 409 -5.50 -15.85 5.12
CA HIS A 409 -5.80 -14.81 6.05
C HIS A 409 -6.66 -15.32 7.19
N SER A 410 -7.34 -16.44 6.96
CA SER A 410 -8.17 -17.09 8.00
C SER A 410 -7.33 -17.57 9.19
N GLY A 411 -6.03 -17.77 9.00
CA GLY A 411 -5.19 -18.31 10.07
C GLY A 411 -5.52 -19.78 10.45
N MET A 412 -6.09 -20.52 9.52
CA MET A 412 -6.52 -21.93 9.69
C MET A 412 -5.82 -22.81 8.71
N LEU A 413 -5.06 -23.75 9.27
CA LEU A 413 -4.17 -24.54 8.47
C LEU A 413 -4.86 -25.47 7.46
N GLU A 414 -5.87 -26.24 7.89
CA GLU A 414 -6.41 -27.26 6.98
C GLU A 414 -7.12 -26.63 5.77
N PRO A 415 -7.98 -25.61 5.98
CA PRO A 415 -8.54 -24.93 4.83
C PRO A 415 -7.47 -24.31 3.90
N THR A 416 -6.40 -23.77 4.44
CA THR A 416 -5.38 -23.13 3.61
C THR A 416 -4.67 -24.20 2.73
N ILE A 417 -4.43 -25.38 3.31
CA ILE A 417 -3.87 -26.53 2.61
C ILE A 417 -4.81 -26.96 1.49
N LYS A 418 -6.10 -27.11 1.81
CA LYS A 418 -7.10 -27.43 0.81
C LYS A 418 -7.11 -26.40 -0.33
N ALA A 419 -6.93 -25.13 0.01
CA ALA A 419 -6.93 -24.02 -0.98
C ALA A 419 -5.77 -24.22 -1.96
N ILE A 420 -4.60 -24.47 -1.40
CA ILE A 420 -3.39 -24.67 -2.23
C ILE A 420 -3.59 -25.92 -3.11
N GLU A 421 -4.18 -26.96 -2.55
CA GLU A 421 -4.39 -28.18 -3.32
C GLU A 421 -5.37 -27.94 -4.43
N ALA A 422 -6.39 -27.13 -4.22
CA ALA A 422 -7.28 -26.81 -5.34
C ALA A 422 -6.55 -26.04 -6.46
N VAL A 423 -5.75 -25.05 -6.06
CA VAL A 423 -4.93 -24.26 -6.98
C VAL A 423 -3.98 -25.16 -7.78
N ASP A 424 -3.32 -26.12 -7.10
CA ASP A 424 -2.41 -27.05 -7.75
C ASP A 424 -3.10 -27.87 -8.84
N GLU A 425 -4.30 -28.34 -8.55
CA GLU A 425 -5.00 -29.07 -9.58
C GLU A 425 -5.29 -28.13 -10.79
N CYS A 426 -5.76 -26.91 -10.54
CA CYS A 426 -5.96 -25.99 -11.63
C CYS A 426 -4.69 -25.63 -12.36
N LEU A 427 -3.62 -25.47 -11.61
CA LEU A 427 -2.32 -25.09 -12.21
C LEU A 427 -1.84 -26.10 -13.25
N GLY A 428 -1.99 -27.36 -12.94
CA GLY A 428 -1.57 -28.40 -13.87
C GLY A 428 -2.36 -28.40 -15.14
N GLU A 429 -3.65 -28.11 -15.06
CA GLU A 429 -4.40 -28.07 -16.33
C GLU A 429 -4.01 -26.82 -17.15
N VAL A 430 -3.83 -25.69 -16.49
CA VAL A 430 -3.45 -24.44 -17.20
C VAL A 430 -2.08 -24.54 -17.86
N VAL A 431 -1.10 -24.98 -17.08
CA VAL A 431 0.26 -25.01 -17.57
C VAL A 431 0.43 -26.12 -18.66
N ASP A 432 -0.19 -27.28 -18.48
CA ASP A 432 -0.03 -28.34 -19.49
C ASP A 432 -0.59 -27.91 -20.82
N LYS A 433 -1.67 -27.16 -20.76
CA LYS A 433 -2.23 -26.58 -21.95
C LYS A 433 -1.29 -25.56 -22.65
N ILE A 434 -0.70 -24.69 -21.86
CA ILE A 434 0.26 -23.73 -22.36
C ILE A 434 1.40 -24.48 -23.00
N LEU A 435 1.90 -25.55 -22.36
CA LEU A 435 2.99 -26.34 -22.91
C LEU A 435 2.60 -27.13 -24.23
N ASP A 436 1.37 -27.65 -24.30
CA ASP A 436 0.85 -28.25 -25.58
C ASP A 436 0.82 -27.19 -26.71
N MET A 437 0.61 -25.92 -26.36
CA MET A 437 0.64 -24.85 -27.35
C MET A 437 2.01 -24.27 -27.60
N ASP A 438 3.06 -24.95 -27.13
CA ASP A 438 4.45 -24.52 -27.29
C ASP A 438 4.69 -23.13 -26.67
N GLY A 439 4.04 -22.87 -25.54
CA GLY A 439 4.25 -21.61 -24.84
C GLY A 439 5.05 -21.80 -23.57
N TYR A 440 4.99 -20.79 -22.71
CA TYR A 440 5.82 -20.72 -21.52
C TYR A 440 5.01 -20.11 -20.38
N ALA A 441 5.16 -20.63 -19.19
CA ALA A 441 4.61 -20.05 -17.96
C ALA A 441 5.72 -19.66 -17.01
N ILE A 442 5.53 -18.53 -16.32
CA ILE A 442 6.27 -18.21 -15.15
C ILE A 442 5.29 -18.34 -13.97
N ILE A 443 5.65 -19.21 -13.07
CA ILE A 443 4.79 -19.51 -11.89
C ILE A 443 5.50 -18.88 -10.72
N THR A 444 4.82 -17.97 -10.03
CA THR A 444 5.41 -17.24 -8.97
C THR A 444 4.31 -16.66 -8.04
N ALA A 445 4.66 -15.63 -7.27
CA ALA A 445 3.77 -15.06 -6.29
C ALA A 445 4.03 -13.59 -6.08
N ASP A 446 3.13 -12.87 -5.42
CA ASP A 446 3.24 -11.46 -5.23
C ASP A 446 3.75 -11.08 -3.85
N HIS A 447 3.87 -12.09 -2.97
CA HIS A 447 4.33 -11.96 -1.55
C HIS A 447 3.84 -13.21 -0.85
N GLY A 448 4.28 -13.41 0.39
CA GLY A 448 3.86 -14.61 1.13
C GLY A 448 2.67 -14.33 2.02
N ASN A 449 2.10 -15.43 2.52
CA ASN A 449 1.03 -15.47 3.51
C ASN A 449 0.89 -16.94 3.95
N SER A 450 0.50 -17.78 3.03
CA SER A 450 0.12 -19.18 3.31
C SER A 450 1.25 -20.08 3.80
N ASP A 451 2.49 -19.68 3.50
CA ASP A 451 3.67 -20.29 4.09
C ASP A 451 3.73 -20.20 5.64
N GLN A 452 2.90 -19.34 6.25
CA GLN A 452 2.76 -19.29 7.68
C GLN A 452 1.41 -18.83 8.14
N VAL A 453 0.62 -19.79 8.63
CA VAL A 453 -0.73 -19.52 9.14
C VAL A 453 -0.87 -19.81 10.64
N LEU A 454 0.23 -20.23 11.27
CA LEU A 454 0.29 -20.46 12.72
C LEU A 454 1.54 -19.79 13.29
N THR A 455 1.39 -19.15 14.46
CA THR A 455 2.54 -18.81 15.30
C THR A 455 3.26 -20.07 15.72
N ASP A 456 4.48 -19.88 16.18
CA ASP A 456 5.27 -20.97 16.72
C ASP A 456 4.61 -21.65 17.93
N ASP A 457 3.73 -20.94 18.63
CA ASP A 457 2.93 -21.52 19.73
C ASP A 457 1.52 -21.98 19.30
N ASP A 458 1.37 -22.30 18.01
CA ASP A 458 0.07 -22.79 17.47
C ASP A 458 -1.15 -21.87 17.54
N GLN A 459 -0.95 -20.56 17.70
CA GLN A 459 -2.07 -19.60 17.59
C GLN A 459 -2.30 -19.26 16.08
N PRO A 460 -3.54 -18.93 15.68
CA PRO A 460 -3.73 -18.36 14.32
C PRO A 460 -2.78 -17.22 14.01
N MET A 461 -2.23 -17.19 12.80
CA MET A 461 -1.42 -16.07 12.29
C MET A 461 -2.22 -15.67 10.97
N THR A 462 -2.61 -14.41 10.83
CA THR A 462 -3.59 -14.02 9.79
C THR A 462 -2.97 -13.04 8.79
N THR A 463 -1.65 -12.94 8.73
CA THR A 463 -1.01 -11.91 7.98
C THR A 463 -0.15 -12.42 6.83
N HIS A 464 0.26 -11.50 5.94
CA HIS A 464 1.32 -11.76 4.98
C HIS A 464 2.65 -12.07 5.70
N THR A 465 3.65 -12.54 4.95
CA THR A 465 4.96 -12.77 5.49
C THR A 465 5.97 -11.92 4.70
N THR A 466 7.19 -11.88 5.21
CA THR A 466 8.28 -11.24 4.48
C THR A 466 9.12 -12.24 3.66
N ASN A 467 8.65 -13.46 3.52
CA ASN A 467 9.48 -14.49 2.92
C ASN A 467 9.61 -14.29 1.38
N PRO A 468 10.71 -14.75 0.79
CA PRO A 468 10.83 -14.63 -0.66
C PRO A 468 9.87 -15.63 -1.36
N VAL A 469 9.53 -15.30 -2.60
CA VAL A 469 8.57 -16.05 -3.37
C VAL A 469 9.32 -16.88 -4.45
N PRO A 470 8.78 -18.03 -4.79
CA PRO A 470 9.27 -18.96 -5.82
C PRO A 470 9.05 -18.45 -7.18
N VAL A 471 9.92 -18.87 -8.08
CA VAL A 471 9.75 -18.58 -9.49
C VAL A 471 10.12 -19.90 -10.18
N ILE A 472 9.21 -20.41 -11.01
CA ILE A 472 9.48 -21.48 -12.01
C ILE A 472 9.21 -20.94 -13.40
N VAL A 473 10.16 -21.13 -14.31
CA VAL A 473 10.03 -20.70 -15.69
C VAL A 473 10.10 -21.96 -16.54
N THR A 474 9.04 -22.23 -17.31
CA THR A 474 8.81 -23.54 -17.97
C THR A 474 9.44 -23.49 -19.36
N LYS A 475 10.72 -23.16 -19.38
CA LYS A 475 11.56 -23.13 -20.57
C LYS A 475 12.78 -24.00 -20.28
N GLU A 476 13.03 -24.95 -21.15
CA GLU A 476 14.12 -25.89 -20.98
C GLU A 476 15.37 -25.21 -21.44
N GLY A 477 16.52 -25.64 -20.94
CA GLY A 477 17.83 -25.22 -21.49
C GLY A 477 18.30 -23.85 -21.08
N VAL A 478 17.86 -23.40 -19.92
CA VAL A 478 18.12 -22.09 -19.43
C VAL A 478 18.27 -22.25 -17.93
N THR A 479 19.10 -21.41 -17.30
CA THR A 479 19.22 -21.31 -15.86
C THR A 479 18.78 -19.89 -15.39
N LEU A 480 18.14 -19.78 -14.23
CA LEU A 480 17.76 -18.50 -13.69
C LEU A 480 18.81 -17.92 -12.78
N ARG A 481 18.82 -16.60 -12.65
CA ARG A 481 19.66 -15.88 -11.71
C ARG A 481 19.28 -16.26 -10.28
N GLU A 482 20.22 -16.13 -9.36
CA GLU A 482 20.11 -16.66 -8.03
C GLU A 482 19.18 -15.91 -7.11
N THR A 483 19.04 -14.59 -7.28
CA THR A 483 18.01 -13.88 -6.57
C THR A 483 17.55 -12.77 -7.51
N GLY A 484 16.70 -11.90 -6.99
CA GLY A 484 16.03 -10.89 -7.79
C GLY A 484 14.83 -10.44 -7.04
N ARG A 485 13.93 -9.75 -7.72
CA ARG A 485 12.81 -9.07 -7.07
C ARG A 485 11.62 -9.05 -8.03
N LEU A 486 10.44 -8.64 -7.56
CA LEU A 486 9.23 -8.64 -8.39
C LEU A 486 9.42 -7.86 -9.67
N GLY A 487 10.10 -6.72 -9.56
CA GLY A 487 10.42 -5.89 -10.74
C GLY A 487 11.21 -6.55 -11.86
N ASP A 488 11.68 -7.78 -11.64
CA ASP A 488 12.37 -8.60 -12.62
C ASP A 488 11.44 -9.52 -13.40
N LEU A 489 10.19 -9.63 -12.97
CA LEU A 489 9.28 -10.60 -13.62
C LEU A 489 8.87 -10.17 -15.05
N ALA A 490 8.41 -8.91 -15.21
CA ALA A 490 8.02 -8.40 -16.50
C ALA A 490 9.22 -8.44 -17.51
N PRO A 491 10.42 -8.09 -17.07
CA PRO A 491 11.55 -8.29 -18.00
C PRO A 491 11.77 -9.72 -18.37
N THR A 492 11.49 -10.63 -17.45
CA THR A 492 11.58 -12.05 -17.82
C THR A 492 10.46 -12.46 -18.86
N LEU A 493 9.22 -11.96 -18.70
CA LEU A 493 8.18 -12.19 -19.71
C LEU A 493 8.61 -11.65 -21.08
N LEU A 494 9.22 -10.46 -21.08
CA LEU A 494 9.63 -9.85 -22.39
C LEU A 494 10.72 -10.72 -23.08
N ASP A 495 11.62 -11.24 -22.26
CA ASP A 495 12.68 -12.16 -22.68
C ASP A 495 12.03 -13.41 -23.36
N LEU A 496 11.06 -14.02 -22.71
CA LEU A 496 10.34 -15.18 -23.24
C LEU A 496 9.59 -14.86 -24.56
N LEU A 497 9.02 -13.66 -24.65
CA LEU A 497 8.31 -13.18 -25.84
C LEU A 497 9.26 -12.66 -26.92
N ASN A 498 10.54 -12.56 -26.60
CA ASN A 498 11.50 -11.95 -27.52
C ASN A 498 11.17 -10.52 -27.98
N VAL A 499 10.75 -9.69 -27.00
CA VAL A 499 10.33 -8.35 -27.19
C VAL A 499 11.37 -7.49 -26.49
N GLU A 500 11.71 -6.38 -27.12
CA GLU A 500 12.69 -5.48 -26.62
C GLU A 500 12.19 -4.82 -25.35
N GLN A 501 13.09 -4.65 -24.38
CA GLN A 501 12.79 -4.04 -23.10
C GLN A 501 13.20 -2.60 -23.16
N PRO A 502 12.27 -1.69 -22.86
CA PRO A 502 12.67 -0.29 -22.87
C PRO A 502 13.44 0.08 -21.59
N GLU A 503 14.15 1.21 -21.70
CA GLU A 503 15.04 1.71 -20.60
C GLU A 503 14.32 2.04 -19.31
N ASP A 504 13.06 2.45 -19.36
CA ASP A 504 12.41 2.83 -18.12
C ASP A 504 11.90 1.63 -17.32
N MET A 505 11.96 0.44 -17.92
CA MET A 505 11.83 -0.79 -17.22
C MET A 505 13.24 -1.24 -16.75
N THR A 506 13.56 -0.94 -15.49
CA THR A 506 14.93 -1.04 -15.00
C THR A 506 15.18 -2.39 -14.39
N GLY A 507 14.14 -3.22 -14.20
CA GLY A 507 14.36 -4.63 -13.75
C GLY A 507 15.21 -5.43 -14.80
N GLU A 508 15.59 -6.64 -14.44
CA GLU A 508 16.42 -7.48 -15.25
C GLU A 508 15.84 -8.86 -15.38
N SER A 509 15.87 -9.41 -16.61
CA SER A 509 15.35 -10.78 -16.84
C SER A 509 15.99 -11.74 -15.89
N LEU A 510 15.18 -12.59 -15.30
CA LEU A 510 15.70 -13.63 -14.45
C LEU A 510 16.44 -14.69 -15.22
N ILE A 511 16.30 -14.74 -16.54
CA ILE A 511 16.92 -15.78 -17.32
C ILE A 511 18.35 -15.39 -17.62
N LYS A 512 19.29 -16.25 -17.23
CA LYS A 512 20.71 -16.00 -17.51
C LYS A 512 21.09 -16.12 -18.97
N HIS A 513 21.85 -15.17 -19.48
CA HIS A 513 22.33 -15.27 -20.82
C HIS A 513 23.87 -15.33 -20.74
MN MN B . -3.82 -10.25 1.52
MN MN C . -1.26 -10.68 -2.86
C1 2PG D . -7.09 2.57 7.32
C2 2PG D . -6.14 1.58 7.91
C3 2PG D . -5.95 1.71 9.41
P 2PG D . -8.07 0.07 8.46
O1 2PG D . -7.74 3.37 8.00
O2 2PG D . -7.18 2.55 6.09
O3 2PG D . -4.69 2.21 9.67
O1P 2PG D . -6.71 0.33 7.71
O2P 2PG D . -7.64 -0.69 9.68
O3P 2PG D . -8.95 -0.59 7.47
O4P 2PG D . -8.63 1.37 8.70
#